data_4D46
#
_entry.id   4D46
#
_cell.length_a   79.144
_cell.length_b   79.144
_cell.length_c   322.316
_cell.angle_alpha   90.00
_cell.angle_beta   90.00
_cell.angle_gamma   120.00
#
_symmetry.space_group_name_H-M   'P 61 2 2'
#
loop_
_entity.id
_entity.type
_entity.pdbx_description
1 polymer 'ENOYL-[ACYL-CARRIER-PROTEIN] REDUCTASE [NADH]'
2 non-polymer NICOTINAMIDE-ADENINE-DINUCLEOTIDE
3 non-polymer 5-bromo-2-(4-chloro-2-hydroxyphenoxy)benzonitrile
4 water water
#
_entity_poly.entity_id   1
_entity_poly.type   'polypeptide(L)'
_entity_poly.pdbx_seq_one_letter_code
;MGFLSGKRILVTGVASKLSIAYGIAQAMHREGAELAFTYQNDKLKGRVEEFAAQLGSDIVLQCDVAEDASIDTMFAELGK
VWPKFDGFVHSIGFAPGDQLDGDYVNAVTREGFKIAHDISSYSFVAMAKACRSMLNPGSALLTLSYLGAERAIPNYNVMG
LAKASLEANVRYMANAMGPEGVRVNAISAGPIRTLAASGIKDFRKMLAHCEAVTPIRRTVTIEDVGNSAAFLCSDLSAGI
SGEVVHVDGGFSIAAMNELELKLEHHHHHH
;
_entity_poly.pdbx_strand_id   A,B
#
loop_
_chem_comp.id
_chem_comp.type
_chem_comp.name
_chem_comp.formula
J47 non-polymer 5-bromo-2-(4-chloro-2-hydroxyphenoxy)benzonitrile 'C13 H7 Br Cl N O2'
NAD non-polymer NICOTINAMIDE-ADENINE-DINUCLEOTIDE 'C21 H27 N7 O14 P2'
#
# COMPACT_ATOMS: atom_id res chain seq x y z
N GLY A 2 17.68 11.09 -30.92
CA GLY A 2 18.02 10.57 -29.55
C GLY A 2 17.38 9.23 -29.28
N PHE A 3 17.53 8.70 -28.07
CA PHE A 3 17.07 7.34 -27.84
C PHE A 3 15.57 7.22 -27.59
N LEU A 4 14.84 8.33 -27.72
CA LEU A 4 13.37 8.32 -27.69
C LEU A 4 12.74 8.76 -29.03
N SER A 5 13.53 8.99 -30.09
CA SER A 5 12.90 9.38 -31.37
C SER A 5 11.91 8.31 -31.80
N GLY A 6 10.73 8.68 -32.26
CA GLY A 6 9.76 7.63 -32.60
C GLY A 6 8.68 7.40 -31.56
N LYS A 7 8.92 7.87 -30.33
CA LYS A 7 8.02 7.67 -29.21
C LYS A 7 7.12 8.89 -29.02
N ARG A 8 5.88 8.63 -28.64
CA ARG A 8 4.94 9.67 -28.22
C ARG A 8 4.56 9.44 -26.76
N ILE A 9 4.94 10.36 -25.87
CA ILE A 9 4.78 10.14 -24.41
C ILE A 9 3.93 11.26 -23.81
N LEU A 10 2.86 10.88 -23.11
CA LEU A 10 2.07 11.80 -22.28
C LEU A 10 2.73 12.15 -20.95
N VAL A 11 2.85 13.44 -20.60
CA VAL A 11 3.47 13.86 -19.33
C VAL A 11 2.47 14.57 -18.42
N THR A 12 2.20 14.00 -17.24
CA THR A 12 1.32 14.64 -16.27
C THR A 12 2.22 15.35 -15.28
N GLY A 13 1.66 16.29 -14.51
CA GLY A 13 2.21 16.78 -13.25
C GLY A 13 3.16 17.93 -13.30
N VAL A 14 3.22 18.61 -14.43
CA VAL A 14 3.97 19.84 -14.50
C VAL A 14 3.14 20.90 -13.72
N ALA A 15 3.79 21.50 -12.72
CA ALA A 15 3.16 22.62 -12.04
C ALA A 15 4.06 23.84 -12.05
N SER A 16 5.36 23.64 -12.27
CA SER A 16 6.32 24.75 -12.22
C SER A 16 7.61 24.29 -12.85
N LYS A 17 8.54 25.20 -13.08
CA LYS A 17 9.84 24.81 -13.62
C LYS A 17 10.64 23.96 -12.61
N LEU A 18 10.15 23.80 -11.38
CA LEU A 18 10.87 23.00 -10.39
C LEU A 18 10.30 21.57 -10.34
N SER A 19 9.16 21.34 -11.00
CA SER A 19 8.47 20.07 -10.99
C SER A 19 9.39 18.97 -11.54
N ILE A 20 9.37 17.80 -10.90
CA ILE A 20 10.01 16.62 -11.46
C ILE A 20 9.54 16.39 -12.89
N ALA A 21 8.22 16.48 -13.12
CA ALA A 21 7.71 16.28 -14.48
C ALA A 21 8.37 17.25 -15.48
N TYR A 22 8.76 18.43 -15.00
CA TYR A 22 9.35 19.39 -15.93
C TYR A 22 10.75 18.94 -16.34
N GLY A 23 11.57 18.45 -15.38
CA GLY A 23 12.87 17.86 -15.71
C GLY A 23 12.72 16.63 -16.59
N ILE A 24 11.73 15.81 -16.27
CA ILE A 24 11.49 14.65 -17.15
C ILE A 24 11.21 15.06 -18.61
N ALA A 25 10.21 15.92 -18.80
CA ALA A 25 9.90 16.46 -20.15
C ALA A 25 11.11 17.07 -20.91
N GLN A 26 11.93 17.86 -20.22
CA GLN A 26 13.05 18.44 -20.96
C GLN A 26 13.94 17.33 -21.49
N ALA A 27 14.20 16.33 -20.65
CA ALA A 27 15.18 15.27 -20.94
C ALA A 27 14.60 14.43 -22.08
N MET A 28 13.28 14.23 -22.07
CA MET A 28 12.63 13.41 -23.07
C MET A 28 12.59 14.15 -24.39
N HIS A 29 12.38 15.45 -24.34
CA HIS A 29 12.42 16.29 -25.56
C HIS A 29 13.81 16.29 -26.22
N ARG A 30 14.84 16.53 -25.41
CA ARG A 30 16.24 16.41 -25.81
C ARG A 30 16.46 15.07 -26.55
N GLU A 31 15.95 13.97 -26.01
CA GLU A 31 16.22 12.66 -26.63
C GLU A 31 15.26 12.33 -27.75
N GLY A 32 14.49 13.33 -28.16
CA GLY A 32 13.72 13.23 -29.40
C GLY A 32 12.27 12.75 -29.32
N ALA A 33 11.71 12.66 -28.11
CA ALA A 33 10.32 12.19 -27.95
C ALA A 33 9.33 13.24 -28.43
N GLU A 34 8.17 12.86 -28.97
CA GLU A 34 7.08 13.84 -29.14
C GLU A 34 6.24 13.82 -27.89
N LEU A 35 5.92 15.01 -27.38
CA LEU A 35 5.36 15.11 -26.03
C LEU A 35 3.90 15.57 -26.02
N ALA A 36 3.12 15.09 -25.07
CA ALA A 36 1.82 15.72 -24.82
C ALA A 36 1.66 15.90 -23.30
N PHE A 37 0.85 16.88 -22.89
CA PHE A 37 0.83 17.32 -21.47
C PHE A 37 -0.60 17.37 -20.97
N THR A 38 -0.76 17.15 -19.67
CA THR A 38 -2.02 17.45 -18.99
C THR A 38 -1.76 18.50 -17.92
N TYR A 39 -2.84 19.14 -17.49
CA TYR A 39 -2.78 20.07 -16.39
C TYR A 39 -3.97 19.80 -15.48
N GLN A 40 -3.76 19.96 -14.18
CA GLN A 40 -4.76 19.57 -13.23
C GLN A 40 -5.98 20.47 -13.35
N ASN A 41 -5.77 21.79 -13.45
CA ASN A 41 -6.88 22.72 -13.27
C ASN A 41 -6.61 24.05 -13.97
N ASP A 42 -7.53 25.01 -13.87
CA ASP A 42 -7.35 26.32 -14.52
C ASP A 42 -6.16 27.10 -13.96
N LYS A 43 -5.83 26.93 -12.68
CA LYS A 43 -4.67 27.61 -12.12
C LYS A 43 -3.34 27.26 -12.85
N LEU A 44 -3.18 26.02 -13.28
CA LEU A 44 -1.91 25.63 -13.93
C LEU A 44 -1.92 25.62 -15.46
N LYS A 45 -3.04 25.91 -16.09
CA LYS A 45 -3.15 25.68 -17.55
C LYS A 45 -2.12 26.52 -18.30
N GLY A 46 -2.04 27.82 -18.03
CA GLY A 46 -1.12 28.70 -18.77
C GLY A 46 0.35 28.31 -18.62
N ARG A 47 0.74 27.84 -17.43
CA ARG A 47 2.13 27.46 -17.17
C ARG A 47 2.45 26.25 -18.04
N VAL A 48 1.52 25.29 -18.10
CA VAL A 48 1.73 24.07 -18.85
C VAL A 48 1.73 24.40 -20.36
N GLU A 49 0.87 25.29 -20.83
CA GLU A 49 0.86 25.69 -22.25
C GLU A 49 2.12 26.38 -22.68
N GLU A 50 2.63 27.31 -21.87
CA GLU A 50 3.92 27.95 -22.14
C GLU A 50 5.06 26.93 -22.27
N PHE A 51 5.05 25.95 -21.38
CA PHE A 51 6.17 25.03 -21.31
C PHE A 51 6.04 24.07 -22.51
N ALA A 52 4.86 23.50 -22.70
CA ALA A 52 4.59 22.74 -23.91
C ALA A 52 4.95 23.48 -25.23
N ALA A 53 4.63 24.77 -25.34
CA ALA A 53 5.03 25.54 -26.54
C ALA A 53 6.53 25.57 -26.67
N GLN A 54 7.23 25.79 -25.56
CA GLN A 54 8.68 25.86 -25.61
C GLN A 54 9.24 24.53 -26.07
N LEU A 55 8.53 23.42 -25.85
CA LEU A 55 9.01 22.12 -26.31
C LEU A 55 8.49 21.73 -27.71
N GLY A 56 7.86 22.66 -28.44
CA GLY A 56 7.28 22.30 -29.71
C GLY A 56 6.01 21.45 -29.70
N SER A 57 5.28 21.39 -28.58
CA SER A 57 4.02 20.64 -28.50
C SER A 57 2.84 21.59 -28.42
N ASP A 58 1.70 21.23 -29.02
CA ASP A 58 0.47 21.92 -28.66
C ASP A 58 -0.63 20.95 -28.24
N ILE A 59 -0.23 19.86 -27.56
CA ILE A 59 -1.22 18.97 -26.98
C ILE A 59 -1.18 19.21 -25.47
N VAL A 60 -2.20 19.92 -24.98
CA VAL A 60 -2.24 20.36 -23.59
C VAL A 60 -3.69 20.16 -23.10
N LEU A 61 -3.93 19.13 -22.29
CA LEU A 61 -5.29 18.67 -22.00
C LEU A 61 -5.54 18.73 -20.51
N GLN A 62 -6.72 19.20 -20.09
CA GLN A 62 -7.09 19.14 -18.69
C GLN A 62 -7.24 17.69 -18.16
N CYS A 63 -6.67 17.40 -16.98
CA CYS A 63 -6.92 16.11 -16.36
C CYS A 63 -6.84 16.21 -14.84
N ASP A 64 -7.98 16.05 -14.19
CA ASP A 64 -7.99 15.88 -12.72
C ASP A 64 -8.22 14.42 -12.37
N VAL A 65 -7.20 13.74 -11.82
CA VAL A 65 -7.26 12.27 -11.70
C VAL A 65 -8.19 11.79 -10.58
N ALA A 66 -8.82 12.72 -9.86
CA ALA A 66 -9.80 12.36 -8.86
C ALA A 66 -11.10 11.95 -9.56
N GLU A 67 -11.22 12.23 -10.84
CA GLU A 67 -12.50 12.05 -11.54
CA GLU A 67 -12.49 12.00 -11.50
C GLU A 67 -12.34 11.11 -12.74
N ASP A 68 -13.04 9.99 -12.71
CA ASP A 68 -13.02 9.02 -13.81
C ASP A 68 -13.39 9.67 -15.14
N ALA A 69 -14.43 10.49 -15.12
CA ALA A 69 -14.87 11.25 -16.30
C ALA A 69 -13.78 12.21 -16.85
N SER A 70 -13.04 12.87 -15.96
CA SER A 70 -11.95 13.76 -16.43
C SER A 70 -10.85 12.94 -17.13
N ILE A 71 -10.57 11.73 -16.61
CA ILE A 71 -9.52 10.87 -17.21
C ILE A 71 -10.00 10.33 -18.56
N ASP A 72 -11.28 9.95 -18.65
CA ASP A 72 -11.82 9.39 -19.90
C ASP A 72 -11.88 10.48 -20.96
N THR A 73 -12.29 11.67 -20.57
CA THR A 73 -12.46 12.77 -21.53
C THR A 73 -11.09 13.19 -22.05
N MET A 74 -10.10 13.22 -21.17
CA MET A 74 -8.75 13.53 -21.60
C MET A 74 -8.25 12.55 -22.66
N PHE A 75 -8.43 11.25 -22.42
CA PHE A 75 -7.92 10.26 -23.35
C PHE A 75 -8.74 10.21 -24.64
N ALA A 76 -9.99 10.66 -24.58
CA ALA A 76 -10.78 10.74 -25.81
C ALA A 76 -10.28 11.93 -26.62
N GLU A 77 -9.88 13.00 -25.94
CA GLU A 77 -9.33 14.17 -26.66
C GLU A 77 -7.96 13.81 -27.25
N LEU A 78 -7.11 13.17 -26.44
CA LEU A 78 -5.81 12.73 -26.94
C LEU A 78 -5.93 11.84 -28.18
N GLY A 79 -6.91 10.95 -28.16
CA GLY A 79 -7.17 10.04 -29.28
C GLY A 79 -7.36 10.74 -30.62
N LYS A 80 -7.84 11.98 -30.61
CA LYS A 80 -8.09 12.71 -31.85
C LYS A 80 -6.79 13.05 -32.55
N VAL A 81 -5.68 13.13 -31.82
CA VAL A 81 -4.38 13.47 -32.45
C VAL A 81 -3.33 12.37 -32.32
N TRP A 82 -3.47 11.51 -31.31
CA TRP A 82 -2.64 10.34 -31.08
C TRP A 82 -3.56 9.15 -30.82
N PRO A 83 -4.12 8.54 -31.87
CA PRO A 83 -4.97 7.37 -31.61
C PRO A 83 -4.19 6.23 -30.96
N LYS A 84 -2.87 6.21 -31.20
CA LYS A 84 -1.96 5.26 -30.53
C LYS A 84 -0.84 6.06 -29.90
N PHE A 85 -0.28 5.59 -28.78
CA PHE A 85 0.90 6.26 -28.27
C PHE A 85 1.76 5.30 -27.45
N ASP A 86 2.85 5.80 -26.86
CA ASP A 86 3.87 4.90 -26.29
C ASP A 86 4.05 4.92 -24.77
N GLY A 87 3.11 5.54 -24.04
CA GLY A 87 2.99 5.42 -22.56
C GLY A 87 2.95 6.80 -21.97
N PHE A 88 3.06 6.90 -20.64
CA PHE A 88 2.90 8.20 -19.99
C PHE A 88 3.69 8.23 -18.69
N VAL A 89 3.99 9.43 -18.21
CA VAL A 89 4.68 9.63 -16.96
C VAL A 89 3.63 10.16 -15.97
N HIS A 90 3.49 9.45 -14.88
CA HIS A 90 2.56 9.76 -13.80
C HIS A 90 3.42 10.41 -12.73
N SER A 91 3.21 11.72 -12.57
CA SER A 91 4.02 12.49 -11.63
C SER A 91 3.14 13.35 -10.74
N ILE A 92 2.32 12.65 -9.97
CA ILE A 92 1.20 13.22 -9.23
C ILE A 92 1.20 12.68 -7.83
N GLY A 93 1.10 13.56 -6.84
CA GLY A 93 1.02 13.12 -5.43
C GLY A 93 0.18 14.13 -4.64
N PHE A 94 -0.64 13.65 -3.70
CA PHE A 94 -1.35 14.58 -2.84
C PHE A 94 -1.83 13.91 -1.57
N ALA A 95 -1.74 14.66 -0.47
CA ALA A 95 -2.50 14.36 0.75
C ALA A 95 -2.88 15.70 1.35
N PRO A 96 -4.02 15.78 2.10
CA PRO A 96 -4.35 17.05 2.78
C PRO A 96 -3.22 17.46 3.73
N GLY A 97 -2.89 18.74 3.75
CA GLY A 97 -1.77 19.25 4.55
C GLY A 97 -1.77 18.84 6.01
N ASP A 98 -2.94 18.76 6.65
CA ASP A 98 -3.06 18.25 8.02
C ASP A 98 -2.49 16.81 8.24
N GLN A 99 -2.40 16.01 7.18
CA GLN A 99 -1.87 14.64 7.25
C GLN A 99 -0.37 14.63 7.53
N LEU A 100 0.31 15.70 7.11
CA LEU A 100 1.77 15.76 7.18
C LEU A 100 2.36 16.45 8.43
N ASP A 101 1.56 16.68 9.45
CA ASP A 101 2.00 17.52 10.56
C ASP A 101 2.18 16.67 11.82
N GLY A 102 3.40 16.22 12.11
CA GLY A 102 3.70 15.63 13.42
C GLY A 102 3.46 14.13 13.47
N ASP A 103 3.25 13.61 14.68
CA ASP A 103 3.09 12.17 14.93
C ASP A 103 2.09 11.52 13.96
N TYR A 104 2.51 10.45 13.29
CA TYR A 104 1.71 9.78 12.26
C TYR A 104 0.32 9.37 12.74
N VAL A 105 0.28 8.64 13.85
CA VAL A 105 -0.95 8.03 14.31
C VAL A 105 -1.96 9.17 14.63
N ASN A 106 -1.50 10.24 15.27
CA ASN A 106 -2.39 11.36 15.55
C ASN A 106 -2.83 12.11 14.30
N ALA A 107 -1.97 12.27 13.29
CA ALA A 107 -2.37 13.08 12.12
C ALA A 107 -3.28 12.33 11.14
N VAL A 108 -3.08 11.01 11.01
CA VAL A 108 -3.81 10.31 9.91
C VAL A 108 -5.30 10.30 10.24
N THR A 109 -6.14 10.47 9.21
CA THR A 109 -7.59 10.31 9.44
C THR A 109 -8.13 9.40 8.32
N ARG A 110 -9.37 8.91 8.45
CA ARG A 110 -9.91 8.06 7.39
C ARG A 110 -9.98 8.76 6.02
N GLU A 111 -10.58 9.95 6.02
CA GLU A 111 -10.61 10.81 4.82
C GLU A 111 -9.23 11.20 4.25
N GLY A 112 -8.32 11.61 5.11
CA GLY A 112 -6.96 11.90 4.66
C GLY A 112 -6.24 10.72 4.01
N PHE A 113 -6.37 9.56 4.66
CA PHE A 113 -5.87 8.30 4.14
C PHE A 113 -6.50 8.02 2.79
N LYS A 114 -7.81 8.19 2.71
CA LYS A 114 -8.51 7.82 1.50
C LYS A 114 -8.04 8.68 0.33
N ILE A 115 -7.98 10.00 0.55
CA ILE A 115 -7.56 10.96 -0.49
C ILE A 115 -6.12 10.74 -0.92
N ALA A 116 -5.25 10.45 0.05
CA ALA A 116 -3.84 10.24 -0.27
C ALA A 116 -3.65 9.01 -1.17
N HIS A 117 -4.35 7.92 -0.85
CA HIS A 117 -4.21 6.69 -1.63
C HIS A 117 -4.86 6.88 -3.00
N ASP A 118 -6.04 7.50 -3.03
CA ASP A 118 -6.76 7.69 -4.30
C ASP A 118 -5.90 8.51 -5.27
N ILE A 119 -5.43 9.69 -4.82
CA ILE A 119 -4.69 10.56 -5.75
C ILE A 119 -3.28 10.03 -6.08
N SER A 120 -2.62 9.48 -5.06
CA SER A 120 -1.17 9.16 -5.17
C SER A 120 -0.93 7.76 -5.71
N SER A 121 -1.93 6.87 -5.65
CA SER A 121 -1.75 5.49 -6.08
C SER A 121 -2.83 5.02 -7.06
N TYR A 122 -4.11 5.09 -6.70
CA TYR A 122 -5.15 4.60 -7.61
C TYR A 122 -5.07 5.31 -8.97
N SER A 123 -4.76 6.60 -8.97
CA SER A 123 -4.80 7.34 -10.22
C SER A 123 -3.81 6.79 -11.24
N PHE A 124 -2.74 6.11 -10.80
CA PHE A 124 -1.81 5.51 -11.77
C PHE A 124 -2.49 4.41 -12.61
N VAL A 125 -3.14 3.47 -11.94
CA VAL A 125 -3.83 2.43 -12.70
C VAL A 125 -5.06 3.00 -13.43
N ALA A 126 -5.75 3.99 -12.85
CA ALA A 126 -6.96 4.56 -13.50
C ALA A 126 -6.60 5.06 -14.88
N MET A 127 -5.43 5.71 -14.98
CA MET A 127 -4.98 6.25 -16.24
C MET A 127 -4.73 5.08 -17.17
N ALA A 128 -4.12 4.03 -16.65
CA ALA A 128 -3.80 2.85 -17.46
C ALA A 128 -5.06 2.15 -18.00
N LYS A 129 -6.10 1.99 -17.16
CA LYS A 129 -7.36 1.42 -17.65
C LYS A 129 -7.90 2.27 -18.80
N ALA A 130 -7.91 3.58 -18.58
CA ALA A 130 -8.49 4.51 -19.54
C ALA A 130 -7.78 4.56 -20.90
N CYS A 131 -6.49 4.23 -21.01
CA CYS A 131 -5.80 4.32 -22.29
C CYS A 131 -5.27 2.97 -22.89
N ARG A 132 -5.68 1.85 -22.31
CA ARG A 132 -5.00 0.55 -22.48
C ARG A 132 -4.95 0.11 -23.95
N SER A 133 -6.10 0.18 -24.60
CA SER A 133 -6.15 -0.16 -26.04
C SER A 133 -5.41 0.86 -26.93
N MET A 134 -5.07 2.01 -26.36
CA MET A 134 -4.29 2.99 -27.11
C MET A 134 -2.78 2.72 -27.07
N LEU A 135 -2.31 1.86 -26.17
CA LEU A 135 -0.84 1.68 -26.05
C LEU A 135 -0.21 0.80 -27.16
N ASN A 136 0.79 1.32 -27.85
CA ASN A 136 1.57 0.47 -28.77
C ASN A 136 2.31 -0.67 -28.06
N PRO A 137 2.56 -1.79 -28.77
CA PRO A 137 3.56 -2.69 -28.20
C PRO A 137 4.88 -1.93 -28.03
N GLY A 138 5.55 -2.18 -26.91
CA GLY A 138 6.81 -1.51 -26.61
C GLY A 138 6.59 -0.32 -25.74
N SER A 139 5.36 -0.12 -25.28
CA SER A 139 5.06 1.01 -24.41
C SER A 139 5.67 0.85 -23.02
N ALA A 140 5.73 1.99 -22.31
CA ALA A 140 6.33 2.08 -20.95
C ALA A 140 5.57 3.13 -20.11
N LEU A 141 5.02 2.72 -18.95
CA LEU A 141 4.38 3.62 -18.00
C LEU A 141 5.40 3.86 -16.90
N LEU A 142 5.48 5.10 -16.43
CA LEU A 142 6.37 5.42 -15.32
C LEU A 142 5.66 6.23 -14.24
N THR A 143 5.94 5.91 -12.97
CA THR A 143 5.46 6.74 -11.90
C THR A 143 6.60 7.14 -10.94
N LEU A 144 6.31 8.01 -9.98
CA LEU A 144 7.36 8.53 -9.12
C LEU A 144 7.00 8.17 -7.69
N SER A 145 8.00 7.62 -6.99
CA SER A 145 7.80 7.27 -5.60
C SER A 145 8.91 7.88 -4.75
N TYR A 146 9.01 7.43 -3.52
CA TYR A 146 9.93 8.01 -2.53
C TYR A 146 10.21 6.94 -1.46
N LEU A 147 11.35 7.04 -0.81
CA LEU A 147 11.81 6.13 0.25
C LEU A 147 10.79 5.97 1.42
N GLY A 148 9.91 6.95 1.58
CA GLY A 148 8.90 6.81 2.63
C GLY A 148 7.98 5.62 2.34
N ALA A 149 7.96 5.07 1.11
CA ALA A 149 7.24 3.78 0.89
C ALA A 149 7.86 2.65 1.74
N GLU A 150 9.18 2.69 1.95
CA GLU A 150 9.91 1.56 2.52
C GLU A 150 10.35 1.81 3.98
N ARG A 151 10.53 3.07 4.38
CA ARG A 151 10.90 3.35 5.76
C ARG A 151 9.87 4.30 6.35
N ALA A 152 9.84 4.38 7.66
CA ALA A 152 9.00 5.37 8.36
C ALA A 152 9.80 6.68 8.42
N ILE A 153 9.36 7.69 7.69
CA ILE A 153 10.09 8.95 7.68
C ILE A 153 9.23 10.01 8.38
N PRO A 154 9.79 10.78 9.32
CA PRO A 154 8.88 11.64 10.07
C PRO A 154 8.15 12.67 9.22
N ASN A 155 6.90 12.96 9.59
CA ASN A 155 5.99 13.87 8.82
C ASN A 155 5.52 13.43 7.47
N TYR A 156 6.23 12.48 6.83
CA TYR A 156 5.78 12.06 5.49
C TYR A 156 4.49 11.23 5.68
N ASN A 157 4.40 10.55 6.83
CA ASN A 157 3.15 10.03 7.40
C ASN A 157 2.38 9.21 6.33
N VAL A 158 1.11 9.56 6.05
CA VAL A 158 0.27 8.64 5.28
C VAL A 158 0.71 8.61 3.80
N MET A 159 1.44 9.64 3.35
CA MET A 159 2.02 9.61 1.99
C MET A 159 2.95 8.41 1.85
N GLY A 160 3.55 7.95 2.94
CA GLY A 160 4.33 6.68 2.88
C GLY A 160 3.49 5.43 2.59
N LEU A 161 2.33 5.33 3.20
CA LEU A 161 1.47 4.15 2.93
C LEU A 161 1.07 4.28 1.47
N ALA A 162 0.90 5.54 1.02
CA ALA A 162 0.27 5.74 -0.29
C ALA A 162 1.32 5.34 -1.30
N LYS A 163 2.58 5.71 -1.08
CA LYS A 163 3.66 5.26 -1.93
C LYS A 163 3.86 3.73 -1.94
N ALA A 164 3.75 3.08 -0.77
CA ALA A 164 3.87 1.60 -0.72
C ALA A 164 2.77 0.95 -1.57
N SER A 165 1.57 1.52 -1.50
CA SER A 165 0.49 1.08 -2.35
C SER A 165 0.88 1.31 -3.83
N LEU A 166 1.48 2.46 -4.14
CA LEU A 166 1.82 2.80 -5.48
C LEU A 166 2.87 1.81 -5.98
N GLU A 167 3.85 1.45 -5.15
CA GLU A 167 4.93 0.54 -5.62
C GLU A 167 4.36 -0.89 -5.88
N ALA A 168 3.36 -1.29 -5.10
CA ALA A 168 2.68 -2.57 -5.41
C ALA A 168 1.85 -2.49 -6.73
N ASN A 169 1.26 -1.31 -6.96
CA ASN A 169 0.46 -1.03 -8.16
C ASN A 169 1.39 -1.21 -9.38
N VAL A 170 2.62 -0.71 -9.27
CA VAL A 170 3.62 -0.89 -10.33
C VAL A 170 3.79 -2.38 -10.67
N ARG A 171 3.97 -3.19 -9.64
CA ARG A 171 4.18 -4.64 -9.85
C ARG A 171 2.92 -5.27 -10.49
N TYR A 172 1.79 -5.04 -9.85
CA TYR A 172 0.55 -5.62 -10.36
C TYR A 172 0.27 -5.17 -11.79
N MET A 173 0.54 -3.91 -12.08
CA MET A 173 0.35 -3.40 -13.42
C MET A 173 1.37 -4.05 -14.38
N ALA A 174 2.65 -4.13 -14.01
CA ALA A 174 3.62 -4.74 -14.89
C ALA A 174 3.17 -6.16 -15.23
N ASN A 175 2.63 -6.86 -14.23
CA ASN A 175 2.24 -8.26 -14.43
C ASN A 175 1.04 -8.41 -15.38
N ALA A 176 -0.03 -7.65 -15.13
CA ALA A 176 -1.20 -7.59 -15.99
C ALA A 176 -0.88 -7.14 -17.41
N MET A 177 -0.03 -6.14 -17.61
CA MET A 177 0.09 -5.52 -18.96
C MET A 177 1.31 -6.00 -19.76
N GLY A 178 2.21 -6.72 -19.11
CA GLY A 178 3.39 -7.26 -19.77
C GLY A 178 3.06 -8.11 -21.00
N PRO A 179 2.06 -9.02 -20.92
CA PRO A 179 1.74 -9.85 -22.09
C PRO A 179 1.31 -9.05 -23.29
N GLU A 180 0.78 -7.83 -23.12
CA GLU A 180 0.40 -7.02 -24.29
CA GLU A 180 0.39 -7.00 -24.26
C GLU A 180 1.54 -6.10 -24.76
N GLY A 181 2.73 -6.26 -24.20
CA GLY A 181 3.94 -5.51 -24.59
C GLY A 181 4.14 -4.15 -23.92
N VAL A 182 3.60 -3.97 -22.70
CA VAL A 182 3.67 -2.71 -21.93
C VAL A 182 4.51 -2.97 -20.65
N ARG A 183 5.52 -2.15 -20.41
CA ARG A 183 6.29 -2.19 -19.14
C ARG A 183 5.82 -1.11 -18.16
N VAL A 184 5.96 -1.34 -16.85
CA VAL A 184 5.51 -0.38 -15.83
C VAL A 184 6.64 -0.35 -14.82
N ASN A 185 7.12 0.84 -14.47
CA ASN A 185 8.17 0.94 -13.47
C ASN A 185 7.97 2.21 -12.65
N ALA A 186 8.80 2.37 -11.63
CA ALA A 186 8.81 3.60 -10.84
C ALA A 186 10.24 4.03 -10.64
N ILE A 187 10.40 5.34 -10.44
CA ILE A 187 11.61 5.90 -9.87
C ILE A 187 11.33 6.26 -8.42
N SER A 188 12.16 5.76 -7.50
CA SER A 188 12.15 6.27 -6.14
C SER A 188 13.18 7.40 -6.08
N ALA A 189 12.70 8.64 -6.16
CA ALA A 189 13.60 9.79 -6.25
C ALA A 189 14.02 10.25 -4.84
N GLY A 190 15.27 10.68 -4.70
CA GLY A 190 15.70 11.35 -3.46
C GLY A 190 15.06 12.75 -3.40
N PRO A 191 15.19 13.41 -2.25
CA PRO A 191 14.54 14.72 -2.14
C PRO A 191 15.26 15.74 -3.03
N ILE A 192 14.51 16.56 -3.74
CA ILE A 192 15.13 17.39 -4.77
C ILE A 192 15.54 18.81 -4.35
N GLU A 211 22.85 14.61 2.63
CA GLU A 211 23.80 15.13 1.64
C GLU A 211 25.27 14.81 1.94
N ALA A 212 25.71 15.03 3.18
CA ALA A 212 26.92 14.36 3.72
C ALA A 212 26.81 12.81 3.93
N VAL A 213 25.60 12.24 4.04
CA VAL A 213 25.46 10.78 4.16
C VAL A 213 24.98 10.12 2.86
N THR A 214 24.77 10.93 1.83
CA THR A 214 24.52 10.41 0.49
C THR A 214 25.85 10.06 -0.17
N PRO A 215 26.00 8.79 -0.63
CA PRO A 215 27.25 8.34 -1.24
C PRO A 215 27.77 9.33 -2.30
N ILE A 216 26.91 9.85 -3.18
CA ILE A 216 27.43 10.78 -4.20
C ILE A 216 27.69 12.18 -3.68
N ARG A 217 27.36 12.45 -2.40
CA ARG A 217 27.75 13.68 -1.73
C ARG A 217 27.04 14.93 -2.28
N ARG A 218 25.82 14.73 -2.78
CA ARG A 218 24.98 15.84 -3.27
C ARG A 218 23.54 15.30 -3.39
N THR A 219 22.56 16.20 -3.42
CA THR A 219 21.18 15.73 -3.62
C THR A 219 20.99 15.47 -5.12
N VAL A 220 20.01 14.64 -5.47
CA VAL A 220 19.71 14.50 -6.90
C VAL A 220 19.00 15.75 -7.46
N THR A 221 19.15 16.01 -8.75
CA THR A 221 18.49 17.11 -9.42
C THR A 221 17.36 16.57 -10.33
N ILE A 222 16.49 17.47 -10.81
CA ILE A 222 15.44 17.04 -11.74
C ILE A 222 16.05 16.68 -13.10
N GLU A 223 17.24 17.20 -13.43
CA GLU A 223 18.01 16.63 -14.56
C GLU A 223 18.34 15.13 -14.38
N ASP A 224 18.91 14.75 -13.23
CA ASP A 224 19.24 13.34 -12.93
C ASP A 224 17.99 12.46 -13.01
N VAL A 225 16.92 12.90 -12.35
CA VAL A 225 15.61 12.22 -12.43
C VAL A 225 15.10 12.15 -13.86
N GLY A 226 15.21 13.27 -14.57
CA GLY A 226 14.77 13.30 -15.95
C GLY A 226 15.45 12.28 -16.85
N ASN A 227 16.78 12.18 -16.73
CA ASN A 227 17.54 11.27 -17.55
C ASN A 227 17.17 9.81 -17.26
N SER A 228 17.03 9.47 -15.98
CA SER A 228 16.61 8.11 -15.64
C SER A 228 15.19 7.78 -16.13
N ALA A 229 14.28 8.76 -16.07
CA ALA A 229 12.89 8.60 -16.51
C ALA A 229 12.84 8.41 -18.05
N ALA A 230 13.66 9.21 -18.75
CA ALA A 230 13.74 9.03 -20.21
C ALA A 230 14.19 7.60 -20.58
N PHE A 231 15.20 7.12 -19.87
CA PHE A 231 15.70 5.75 -20.05
C PHE A 231 14.57 4.73 -19.85
N LEU A 232 13.88 4.85 -18.72
CA LEU A 232 12.86 3.85 -18.32
C LEU A 232 11.66 3.90 -19.28
N CYS A 233 11.52 4.99 -20.06
CA CYS A 233 10.41 5.07 -21.00
C CYS A 233 10.88 4.78 -22.45
N SER A 234 12.15 4.41 -22.59
CA SER A 234 12.72 4.19 -23.91
C SER A 234 12.90 2.69 -24.14
N ASP A 235 13.09 2.27 -25.39
CA ASP A 235 13.43 0.86 -25.66
C ASP A 235 14.78 0.40 -25.09
N LEU A 236 15.68 1.31 -24.73
CA LEU A 236 16.87 0.92 -23.92
C LEU A 236 16.56 0.10 -22.68
N SER A 237 15.39 0.29 -22.07
CA SER A 237 15.08 -0.40 -20.80
C SER A 237 14.15 -1.58 -21.02
N ALA A 238 14.13 -2.13 -22.25
CA ALA A 238 13.23 -3.20 -22.61
C ALA A 238 13.34 -4.40 -21.67
N GLY A 239 14.49 -4.58 -21.02
CA GLY A 239 14.58 -5.70 -20.07
C GLY A 239 14.04 -5.42 -18.67
N ILE A 240 13.44 -4.25 -18.42
CA ILE A 240 13.14 -3.82 -17.04
C ILE A 240 11.65 -3.58 -16.92
N SER A 241 10.99 -4.35 -16.05
CA SER A 241 9.58 -4.07 -15.77
C SER A 241 9.21 -4.47 -14.35
N GLY A 242 8.32 -3.70 -13.74
CA GLY A 242 7.87 -3.96 -12.39
C GLY A 242 8.84 -3.48 -11.34
N GLU A 243 9.76 -2.59 -11.75
CA GLU A 243 10.91 -2.27 -10.92
C GLU A 243 10.81 -0.87 -10.32
N VAL A 244 11.29 -0.72 -9.07
CA VAL A 244 11.37 0.58 -8.45
C VAL A 244 12.85 0.91 -8.47
N VAL A 245 13.24 1.86 -9.31
CA VAL A 245 14.64 2.19 -9.40
C VAL A 245 14.98 3.37 -8.47
N HIS A 246 15.91 3.18 -7.53
CA HIS A 246 16.28 4.30 -6.64
C HIS A 246 17.21 5.31 -7.31
N VAL A 247 16.71 6.54 -7.54
CA VAL A 247 17.52 7.63 -8.10
C VAL A 247 17.72 8.65 -6.96
N ASP A 248 18.49 8.24 -5.95
CA ASP A 248 18.60 9.03 -4.72
C ASP A 248 20.07 9.18 -4.33
N GLY A 249 20.95 9.07 -5.32
CA GLY A 249 22.40 9.18 -5.03
C GLY A 249 23.02 8.12 -4.13
N GLY A 250 22.32 6.99 -3.98
CA GLY A 250 22.83 5.98 -3.06
C GLY A 250 22.32 6.13 -1.66
N PHE A 251 21.50 7.16 -1.40
CA PHE A 251 21.09 7.45 -0.01
C PHE A 251 20.54 6.23 0.71
N SER A 252 19.61 5.49 0.09
CA SER A 252 18.88 4.42 0.81
C SER A 252 19.73 3.20 1.15
N ILE A 253 20.85 3.02 0.44
CA ILE A 253 21.73 1.89 0.77
C ILE A 253 22.83 2.17 1.81
N ALA A 254 22.88 3.40 2.34
CA ALA A 254 23.91 3.81 3.32
C ALA A 254 23.34 3.91 4.76
N ALA A 255 24.17 3.73 5.77
CA ALA A 255 23.68 3.85 7.17
C ALA A 255 24.77 4.40 8.05
N MET A 256 24.39 5.38 8.88
CA MET A 256 25.28 5.91 9.91
C MET A 256 26.58 6.53 9.37
N ASN A 257 26.56 6.97 8.11
CA ASN A 257 27.72 7.61 7.45
C ASN A 257 28.47 8.67 8.27
N GLY B 2 1.71 -19.29 31.39
CA GLY B 2 2.58 -19.25 30.15
C GLY B 2 3.14 -17.87 29.83
N PHE B 3 3.69 -17.68 28.65
CA PHE B 3 4.49 -16.47 28.40
C PHE B 3 3.69 -15.21 28.08
N LEU B 4 2.36 -15.32 28.18
CA LEU B 4 1.50 -14.15 28.15
C LEU B 4 0.69 -13.96 29.43
N SER B 5 1.12 -14.56 30.54
CA SER B 5 0.38 -14.38 31.79
C SER B 5 0.45 -12.92 32.24
N GLY B 6 -0.69 -12.37 32.67
CA GLY B 6 -0.73 -10.97 33.08
C GLY B 6 -0.98 -10.00 31.91
N LYS B 7 -1.05 -10.51 30.68
CA LYS B 7 -1.43 -9.68 29.52
C LYS B 7 -2.94 -9.75 29.23
N ARG B 8 -3.49 -8.63 28.77
CA ARG B 8 -4.83 -8.58 28.19
C ARG B 8 -4.80 -8.14 26.73
N ILE B 9 -5.38 -8.96 25.85
CA ILE B 9 -5.23 -8.76 24.42
C ILE B 9 -6.60 -8.81 23.79
N LEU B 10 -6.95 -7.81 22.99
CA LEU B 10 -8.16 -7.85 22.17
C LEU B 10 -7.91 -8.57 20.87
N VAL B 11 -8.85 -9.38 20.42
CA VAL B 11 -8.68 -10.13 19.18
C VAL B 11 -9.86 -9.86 18.23
N THR B 12 -9.57 -9.26 17.08
CA THR B 12 -10.59 -9.05 16.05
C THR B 12 -10.61 -10.20 15.04
N GLY B 13 -11.66 -10.26 14.23
CA GLY B 13 -11.65 -11.13 13.03
C GLY B 13 -11.86 -12.64 13.20
N VAL B 14 -12.24 -13.09 14.39
CA VAL B 14 -12.69 -14.47 14.53
C VAL B 14 -14.01 -14.66 13.80
N ALA B 15 -13.99 -15.47 12.74
CA ALA B 15 -15.22 -15.75 11.98
C ALA B 15 -15.68 -17.21 12.04
N SER B 16 -14.74 -18.15 12.10
CA SER B 16 -15.04 -19.59 12.31
C SER B 16 -13.81 -20.15 13.00
N LYS B 17 -13.84 -21.46 13.24
CA LYS B 17 -12.71 -22.17 13.82
C LYS B 17 -11.51 -22.26 12.88
N LEU B 18 -11.72 -21.91 11.61
CA LEU B 18 -10.66 -21.91 10.58
C LEU B 18 -9.92 -20.58 10.49
N SER B 19 -10.50 -19.52 11.07
CA SER B 19 -9.86 -18.20 11.07
C SER B 19 -8.45 -18.19 11.62
N ILE B 20 -7.56 -17.45 10.98
CA ILE B 20 -6.29 -17.17 11.62
C ILE B 20 -6.47 -16.61 13.05
N ALA B 21 -7.45 -15.72 13.26
CA ALA B 21 -7.68 -15.10 14.55
C ALA B 21 -8.03 -16.16 15.58
N TYR B 22 -8.76 -17.18 15.16
CA TYR B 22 -9.01 -18.30 16.05
C TYR B 22 -7.73 -19.01 16.54
N GLY B 23 -6.84 -19.40 15.63
CA GLY B 23 -5.53 -19.97 16.03
C GLY B 23 -4.68 -19.09 16.94
N ILE B 24 -4.68 -17.78 16.70
CA ILE B 24 -3.94 -16.84 17.53
C ILE B 24 -4.52 -16.72 18.93
N ALA B 25 -5.85 -16.71 18.98
CA ALA B 25 -6.54 -16.73 20.24
C ALA B 25 -6.30 -18.02 21.05
N GLN B 26 -6.35 -19.23 20.46
CA GLN B 26 -6.18 -20.40 21.33
C GLN B 26 -4.76 -20.43 21.86
N ALA B 27 -3.81 -20.02 21.01
CA ALA B 27 -2.40 -19.95 21.39
C ALA B 27 -2.11 -18.93 22.50
N MET B 28 -2.59 -17.68 22.37
CA MET B 28 -2.41 -16.72 23.46
C MET B 28 -3.14 -17.20 24.70
N HIS B 29 -4.27 -17.85 24.52
CA HIS B 29 -5.03 -18.37 25.66
C HIS B 29 -4.26 -19.50 26.36
N ARG B 30 -3.76 -20.44 25.57
CA ARG B 30 -2.88 -21.49 26.11
C ARG B 30 -1.74 -20.85 26.90
N GLU B 31 -1.26 -19.69 26.47
CA GLU B 31 -0.09 -19.04 27.10
C GLU B 31 -0.41 -18.08 28.24
N GLY B 32 -1.67 -18.09 28.71
CA GLY B 32 -2.05 -17.37 29.92
C GLY B 32 -2.59 -15.96 29.68
N ALA B 33 -2.85 -15.55 28.44
CA ALA B 33 -3.47 -14.22 28.25
C ALA B 33 -4.93 -14.21 28.69
N GLU B 34 -5.42 -13.07 29.15
CA GLU B 34 -6.86 -12.80 29.20
CA GLU B 34 -6.86 -12.77 29.20
C GLU B 34 -7.27 -12.18 27.85
N LEU B 35 -8.36 -12.68 27.29
CA LEU B 35 -8.77 -12.29 25.93
C LEU B 35 -10.10 -11.52 25.91
N ALA B 36 -10.26 -10.67 24.90
CA ALA B 36 -11.55 -10.06 24.55
C ALA B 36 -11.74 -10.11 23.05
N PHE B 37 -12.99 -10.10 22.56
CA PHE B 37 -13.22 -10.37 21.15
C PHE B 37 -14.16 -9.34 20.52
N THR B 38 -13.94 -9.02 19.26
CA THR B 38 -14.89 -8.18 18.53
C THR B 38 -15.53 -9.04 17.46
N TYR B 39 -16.65 -8.58 16.91
CA TYR B 39 -17.35 -9.26 15.83
C TYR B 39 -17.93 -8.20 14.88
N GLN B 40 -17.87 -8.46 13.58
CA GLN B 40 -18.16 -7.38 12.62
C GLN B 40 -19.58 -6.85 12.76
N ASN B 41 -20.56 -7.72 12.99
CA ASN B 41 -21.98 -7.38 12.88
C ASN B 41 -22.91 -8.45 13.44
N ASP B 42 -24.22 -8.23 13.37
CA ASP B 42 -25.11 -9.12 14.11
C ASP B 42 -25.10 -10.57 13.63
N LYS B 43 -24.73 -10.79 12.36
CA LYS B 43 -24.64 -12.14 11.83
C LYS B 43 -23.60 -13.04 12.53
N LEU B 44 -22.69 -12.45 13.30
CA LEU B 44 -21.59 -13.22 13.87
C LEU B 44 -21.53 -13.09 15.38
N LYS B 45 -22.48 -12.35 15.95
CA LYS B 45 -22.51 -12.14 17.40
C LYS B 45 -22.53 -13.43 18.24
N GLY B 46 -23.49 -14.32 17.99
CA GLY B 46 -23.59 -15.57 18.77
C GLY B 46 -22.36 -16.44 18.54
N ARG B 47 -22.03 -16.69 17.27
CA ARG B 47 -20.84 -17.45 16.94
C ARG B 47 -19.61 -16.97 17.71
N VAL B 48 -19.31 -15.68 17.61
CA VAL B 48 -18.12 -15.14 18.30
C VAL B 48 -18.27 -15.21 19.81
N GLU B 49 -19.47 -14.94 20.37
CA GLU B 49 -19.68 -15.19 21.79
C GLU B 49 -19.42 -16.68 22.11
N GLU B 50 -19.84 -17.58 21.25
CA GLU B 50 -19.60 -18.99 21.50
C GLU B 50 -18.10 -19.36 21.42
N PHE B 51 -17.34 -18.78 20.48
CA PHE B 51 -15.89 -19.02 20.45
C PHE B 51 -15.18 -18.37 21.63
N ALA B 52 -15.50 -17.11 21.92
CA ALA B 52 -15.05 -16.46 23.14
C ALA B 52 -15.26 -17.31 24.40
N ALA B 53 -16.43 -17.96 24.51
CA ALA B 53 -16.82 -18.61 25.75
C ALA B 53 -15.93 -19.82 26.04
N GLN B 54 -15.64 -20.56 24.97
CA GLN B 54 -14.68 -21.65 25.02
C GLN B 54 -13.34 -21.20 25.62
N LEU B 55 -12.86 -20.03 25.20
CA LEU B 55 -11.57 -19.52 25.64
C LEU B 55 -11.68 -18.77 26.98
N GLY B 56 -12.80 -18.95 27.66
CA GLY B 56 -13.11 -18.30 28.94
C GLY B 56 -13.15 -16.77 28.99
N SER B 57 -13.31 -16.13 27.84
CA SER B 57 -13.73 -14.71 27.82
C SER B 57 -15.25 -14.50 27.80
N ASP B 58 -15.78 -13.54 28.56
CA ASP B 58 -17.12 -13.03 28.26
C ASP B 58 -17.14 -11.59 27.69
N ILE B 59 -16.03 -11.16 27.11
CA ILE B 59 -15.95 -9.79 26.58
C ILE B 59 -16.00 -9.82 25.04
N VAL B 60 -17.18 -9.51 24.49
CA VAL B 60 -17.47 -9.77 23.09
C VAL B 60 -18.30 -8.60 22.57
N LEU B 61 -17.75 -7.84 21.63
CA LEU B 61 -18.25 -6.49 21.37
C LEU B 61 -18.34 -6.29 19.86
N GLN B 62 -19.40 -5.61 19.43
CA GLN B 62 -19.58 -5.25 18.03
C GLN B 62 -18.54 -4.24 17.63
N CYS B 63 -17.92 -4.48 16.47
CA CYS B 63 -17.03 -3.49 15.90
C CYS B 63 -16.98 -3.66 14.40
N ASP B 64 -17.61 -2.77 13.66
CA ASP B 64 -17.41 -2.64 12.21
C ASP B 64 -16.35 -1.56 11.92
N VAL B 65 -15.18 -1.97 11.42
CA VAL B 65 -14.10 -1.01 11.23
C VAL B 65 -14.27 -0.03 10.07
N ALA B 66 -15.34 -0.20 9.26
CA ALA B 66 -15.69 0.85 8.32
C ALA B 66 -16.13 2.14 9.02
N GLU B 67 -16.56 2.04 10.28
CA GLU B 67 -17.19 3.17 11.00
C GLU B 67 -16.36 3.67 12.19
N ASP B 68 -15.89 4.91 12.12
CA ASP B 68 -15.25 5.54 13.27
C ASP B 68 -16.10 5.41 14.56
N ALA B 69 -17.41 5.64 14.44
CA ALA B 69 -18.30 5.62 15.60
C ALA B 69 -18.36 4.21 16.22
N SER B 70 -18.32 3.17 15.38
CA SER B 70 -18.34 1.78 15.85
C SER B 70 -17.05 1.42 16.62
N ILE B 71 -15.89 1.81 16.09
CA ILE B 71 -14.61 1.60 16.78
C ILE B 71 -14.55 2.38 18.11
N ASP B 72 -14.93 3.66 18.07
CA ASP B 72 -14.99 4.45 19.29
C ASP B 72 -15.91 3.86 20.36
N THR B 73 -17.15 3.52 19.98
CA THR B 73 -18.11 2.87 20.89
C THR B 73 -17.53 1.56 21.42
N MET B 74 -16.92 0.77 20.54
CA MET B 74 -16.41 -0.53 20.97
C MET B 74 -15.35 -0.28 22.05
N PHE B 75 -14.41 0.64 21.85
CA PHE B 75 -13.39 0.83 22.88
C PHE B 75 -13.90 1.45 24.19
N ALA B 76 -14.92 2.30 24.09
CA ALA B 76 -15.64 2.79 25.25
C ALA B 76 -16.22 1.63 26.08
N GLU B 77 -16.90 0.71 25.41
CA GLU B 77 -17.50 -0.42 26.08
C GLU B 77 -16.38 -1.26 26.70
N LEU B 78 -15.28 -1.48 25.97
CA LEU B 78 -14.17 -2.30 26.47
C LEU B 78 -13.52 -1.69 27.71
N GLY B 79 -13.41 -0.35 27.73
CA GLY B 79 -12.84 0.38 28.85
C GLY B 79 -13.63 0.25 30.14
N LYS B 80 -14.90 -0.10 30.05
CA LYS B 80 -15.64 -0.44 31.28
C LYS B 80 -15.07 -1.66 32.00
N VAL B 81 -14.43 -2.59 31.30
CA VAL B 81 -13.90 -3.79 31.95
C VAL B 81 -12.37 -3.83 31.94
N TRP B 82 -11.76 -3.24 30.92
CA TRP B 82 -10.29 -3.22 30.81
C TRP B 82 -9.87 -1.77 30.63
N PRO B 83 -9.69 -0.99 31.72
CA PRO B 83 -9.43 0.42 31.43
C PRO B 83 -8.05 0.57 30.79
N LYS B 84 -7.17 -0.40 31.07
CA LYS B 84 -5.87 -0.51 30.43
C LYS B 84 -5.79 -1.90 29.86
N PHE B 85 -5.08 -2.07 28.75
CA PHE B 85 -4.76 -3.41 28.27
C PHE B 85 -3.41 -3.37 27.48
N ASP B 86 -3.00 -4.53 26.94
CA ASP B 86 -1.63 -4.74 26.45
C ASP B 86 -1.51 -4.93 24.94
N GLY B 87 -2.56 -4.56 24.20
CA GLY B 87 -2.57 -4.60 22.74
C GLY B 87 -3.70 -5.35 22.05
N PHE B 88 -3.61 -5.45 20.72
CA PHE B 88 -4.67 -6.10 19.96
C PHE B 88 -4.09 -6.78 18.72
N VAL B 89 -4.82 -7.79 18.26
CA VAL B 89 -4.56 -8.49 17.04
C VAL B 89 -5.59 -8.02 16.01
N HIS B 90 -5.06 -7.55 14.89
CA HIS B 90 -5.88 -7.05 13.83
C HIS B 90 -5.88 -8.09 12.72
N SER B 91 -7.01 -8.78 12.57
CA SER B 91 -7.04 -9.87 11.62
C SER B 91 -8.28 -9.78 10.72
N ILE B 92 -8.21 -8.87 9.74
CA ILE B 92 -9.34 -8.26 9.06
C ILE B 92 -8.87 -7.84 7.68
N GLY B 93 -9.53 -8.39 6.67
CA GLY B 93 -9.28 -8.00 5.29
C GLY B 93 -10.61 -8.02 4.56
N PHE B 94 -10.73 -7.14 3.56
CA PHE B 94 -11.89 -7.13 2.69
C PHE B 94 -11.62 -6.36 1.39
N ALA B 95 -12.18 -6.88 0.29
CA ALA B 95 -12.32 -6.18 -0.97
C ALA B 95 -13.56 -6.76 -1.63
N PRO B 96 -14.32 -5.92 -2.38
CA PRO B 96 -15.52 -6.50 -2.98
C PRO B 96 -15.10 -7.59 -3.99
N GLY B 97 -15.94 -8.62 -4.10
CA GLY B 97 -15.66 -9.81 -4.90
C GLY B 97 -15.23 -9.56 -6.33
N ASP B 98 -15.86 -8.60 -7.01
CA ASP B 98 -15.48 -8.21 -8.38
C ASP B 98 -14.01 -7.78 -8.55
N GLN B 99 -13.38 -7.32 -7.47
CA GLN B 99 -11.95 -6.96 -7.49
C GLN B 99 -10.97 -8.13 -7.73
N LEU B 100 -11.35 -9.36 -7.37
CA LEU B 100 -10.38 -10.45 -7.41
C LEU B 100 -10.62 -11.48 -8.52
N ASP B 101 -11.33 -11.07 -9.57
CA ASP B 101 -11.54 -12.00 -10.67
C ASP B 101 -10.72 -11.58 -11.89
N GLY B 102 -9.61 -12.25 -12.14
CA GLY B 102 -8.95 -12.11 -13.44
C GLY B 102 -8.03 -10.92 -13.51
N ASP B 103 -7.86 -10.40 -14.73
CA ASP B 103 -6.79 -9.43 -15.00
C ASP B 103 -6.94 -8.22 -14.05
N TYR B 104 -5.84 -7.82 -13.42
CA TYR B 104 -5.91 -6.81 -12.36
C TYR B 104 -6.35 -5.45 -12.89
N VAL B 105 -5.72 -5.01 -13.97
CA VAL B 105 -6.04 -3.67 -14.49
C VAL B 105 -7.49 -3.60 -15.00
N ASN B 106 -8.05 -4.71 -15.46
CA ASN B 106 -9.48 -4.69 -15.80
C ASN B 106 -10.40 -4.76 -14.62
N ALA B 107 -10.06 -5.55 -13.61
CA ALA B 107 -10.97 -5.72 -12.48
C ALA B 107 -10.95 -4.51 -11.53
N VAL B 108 -9.83 -3.77 -11.43
CA VAL B 108 -9.74 -2.74 -10.37
C VAL B 108 -10.63 -1.53 -10.71
N THR B 109 -11.32 -1.00 -9.71
CA THR B 109 -12.09 0.24 -9.85
C THR B 109 -11.70 1.20 -8.71
N ARG B 110 -12.06 2.48 -8.84
CA ARG B 110 -11.74 3.46 -7.79
C ARG B 110 -12.42 3.09 -6.47
N GLU B 111 -13.67 2.65 -6.55
CA GLU B 111 -14.41 2.28 -5.35
C GLU B 111 -13.85 0.99 -4.73
N GLY B 112 -13.45 0.06 -5.60
CA GLY B 112 -12.91 -1.20 -5.10
C GLY B 112 -11.60 -0.96 -4.41
N PHE B 113 -10.78 -0.10 -5.02
CA PHE B 113 -9.48 0.28 -4.42
C PHE B 113 -9.72 0.92 -3.05
N LYS B 114 -10.67 1.83 -2.97
CA LYS B 114 -10.93 2.62 -1.77
C LYS B 114 -11.35 1.72 -0.60
N ILE B 115 -12.31 0.83 -0.85
CA ILE B 115 -12.78 -0.10 0.16
C ILE B 115 -11.68 -1.06 0.63
N ALA B 116 -10.95 -1.66 -0.33
CA ALA B 116 -9.86 -2.58 0.00
C ALA B 116 -8.85 -1.92 0.92
N HIS B 117 -8.38 -0.72 0.58
CA HIS B 117 -7.45 0.01 1.44
C HIS B 117 -8.00 0.47 2.82
N ASP B 118 -9.23 0.97 2.81
CA ASP B 118 -9.90 1.40 4.05
C ASP B 118 -10.07 0.25 5.05
N ILE B 119 -10.68 -0.84 4.60
CA ILE B 119 -10.90 -1.96 5.50
C ILE B 119 -9.59 -2.74 5.82
N SER B 120 -8.70 -2.95 4.85
CA SER B 120 -7.56 -3.84 5.03
C SER B 120 -6.35 -3.11 5.63
N SER B 121 -6.31 -1.80 5.50
CA SER B 121 -5.12 -1.06 5.94
C SER B 121 -5.44 0.05 6.93
N TYR B 122 -6.27 1.01 6.52
CA TYR B 122 -6.60 2.10 7.42
C TYR B 122 -7.17 1.58 8.77
N SER B 123 -8.03 0.56 8.77
CA SER B 123 -8.63 0.10 10.01
C SER B 123 -7.63 -0.21 11.10
N PHE B 124 -6.43 -0.65 10.74
CA PHE B 124 -5.40 -1.01 11.72
C PHE B 124 -5.00 0.23 12.52
N VAL B 125 -4.70 1.33 11.83
CA VAL B 125 -4.25 2.54 12.53
C VAL B 125 -5.50 3.20 13.17
N ALA B 126 -6.69 3.00 12.58
CA ALA B 126 -7.92 3.56 13.17
C ALA B 126 -8.13 2.94 14.56
N MET B 127 -7.89 1.63 14.67
CA MET B 127 -8.01 0.99 15.99
C MET B 127 -6.97 1.55 16.95
N ALA B 128 -5.70 1.61 16.51
CA ALA B 128 -4.65 2.23 17.31
C ALA B 128 -4.99 3.66 17.80
N LYS B 129 -5.51 4.54 16.92
CA LYS B 129 -5.89 5.90 17.35
C LYS B 129 -6.90 5.85 18.51
N ALA B 130 -7.90 4.99 18.36
CA ALA B 130 -9.01 4.96 19.32
C ALA B 130 -8.65 4.37 20.68
N CYS B 131 -7.61 3.55 20.77
CA CYS B 131 -7.26 2.95 22.07
C CYS B 131 -5.89 3.43 22.56
N ARG B 132 -5.28 4.40 21.87
CA ARG B 132 -3.91 4.76 22.22
C ARG B 132 -3.68 5.03 23.71
N SER B 133 -4.56 5.79 24.34
CA SER B 133 -4.45 6.11 25.77
C SER B 133 -4.77 4.91 26.70
N MET B 134 -5.33 3.83 26.18
CA MET B 134 -5.61 2.67 27.01
C MET B 134 -4.44 1.70 27.08
N LEU B 135 -3.44 1.88 26.22
CA LEU B 135 -2.34 0.87 26.14
C LEU B 135 -1.33 1.00 27.27
N ASN B 136 -0.96 -0.11 27.90
CA ASN B 136 0.12 -0.12 28.90
C ASN B 136 1.47 0.06 28.20
N PRO B 137 2.50 0.62 28.88
CA PRO B 137 3.87 0.31 28.41
C PRO B 137 4.12 -1.20 28.25
N GLY B 138 4.81 -1.62 27.20
CA GLY B 138 5.04 -3.06 26.94
C GLY B 138 3.99 -3.63 25.99
N SER B 139 3.03 -2.80 25.57
CA SER B 139 1.98 -3.27 24.66
C SER B 139 2.53 -3.59 23.27
N ALA B 140 1.79 -4.43 22.56
CA ALA B 140 2.20 -4.91 21.25
C ALA B 140 0.96 -4.98 20.36
N LEU B 141 1.05 -4.45 19.14
CA LEU B 141 -0.04 -4.55 18.17
C LEU B 141 0.39 -5.46 17.05
N LEU B 142 -0.55 -6.21 16.44
CA LEU B 142 -0.17 -7.20 15.43
C LEU B 142 -1.24 -7.21 14.35
N THR B 143 -0.82 -7.21 13.07
CA THR B 143 -1.73 -7.41 11.96
C THR B 143 -1.26 -8.59 11.11
N LEU B 144 -2.08 -8.99 10.12
CA LEU B 144 -1.75 -10.10 9.23
C LEU B 144 -1.60 -9.59 7.79
N SER B 145 -0.52 -9.98 7.13
CA SER B 145 -0.34 -9.58 5.74
C SER B 145 -0.10 -10.85 4.93
N TYR B 146 0.27 -10.64 3.67
CA TYR B 146 0.43 -11.72 2.71
C TYR B 146 1.44 -11.30 1.65
N LEU B 147 2.16 -12.31 1.13
CA LEU B 147 3.14 -12.16 0.04
C LEU B 147 2.71 -11.25 -1.12
N GLY B 148 1.39 -11.19 -1.37
CA GLY B 148 0.80 -10.27 -2.36
C GLY B 148 1.13 -8.80 -2.16
N ALA B 149 1.51 -8.40 -0.95
CA ALA B 149 2.09 -7.05 -0.73
C ALA B 149 3.38 -6.82 -1.51
N GLU B 150 4.22 -7.85 -1.61
CA GLU B 150 5.56 -7.70 -2.22
C GLU B 150 5.73 -8.22 -3.63
N ARG B 151 4.84 -9.10 -4.09
CA ARG B 151 4.92 -9.72 -5.44
C ARG B 151 3.54 -9.61 -6.12
N ALA B 152 3.52 -9.54 -7.45
CA ALA B 152 2.30 -9.54 -8.24
C ALA B 152 1.72 -10.95 -8.27
N ILE B 153 0.67 -11.20 -7.52
CA ILE B 153 0.07 -12.55 -7.49
C ILE B 153 -1.29 -12.52 -8.23
N PRO B 154 -1.48 -13.37 -9.26
CA PRO B 154 -2.69 -13.31 -10.07
C PRO B 154 -3.97 -13.41 -9.22
N ASN B 155 -5.01 -12.67 -9.60
CA ASN B 155 -6.29 -12.60 -8.87
C ASN B 155 -6.31 -11.91 -7.51
N TYR B 156 -5.18 -11.90 -6.79
CA TYR B 156 -5.12 -11.20 -5.51
C TYR B 156 -5.28 -9.69 -5.74
N ASN B 157 -4.74 -9.22 -6.86
CA ASN B 157 -5.17 -7.93 -7.40
C ASN B 157 -5.06 -6.78 -6.37
N VAL B 158 -6.10 -5.96 -6.18
CA VAL B 158 -5.94 -4.74 -5.37
C VAL B 158 -5.66 -5.05 -3.88
N MET B 159 -5.98 -6.25 -3.42
CA MET B 159 -5.64 -6.63 -2.06
C MET B 159 -4.13 -6.57 -1.88
N GLY B 160 -3.39 -6.82 -2.97
CA GLY B 160 -1.90 -6.73 -2.88
C GLY B 160 -1.49 -5.32 -2.53
N LEU B 161 -2.13 -4.33 -3.17
CA LEU B 161 -1.89 -2.91 -2.87
C LEU B 161 -2.25 -2.50 -1.45
N ALA B 162 -3.42 -2.93 -1.03
CA ALA B 162 -3.84 -2.76 0.36
C ALA B 162 -2.85 -3.39 1.36
N LYS B 163 -2.42 -4.62 1.14
CA LYS B 163 -1.46 -5.23 2.10
C LYS B 163 -0.10 -4.50 2.08
N ALA B 164 0.29 -3.95 0.94
CA ALA B 164 1.53 -3.12 0.88
C ALA B 164 1.34 -1.85 1.72
N SER B 165 0.14 -1.26 1.61
CA SER B 165 -0.21 -0.07 2.39
C SER B 165 -0.17 -0.47 3.85
N LEU B 166 -0.74 -1.63 4.15
CA LEU B 166 -0.74 -2.15 5.52
C LEU B 166 0.68 -2.36 6.06
N GLU B 167 1.56 -2.95 5.26
CA GLU B 167 2.92 -3.16 5.86
C GLU B 167 3.64 -1.84 6.13
N ALA B 168 3.45 -0.87 5.23
CA ALA B 168 3.92 0.48 5.49
C ALA B 168 3.24 1.04 6.73
N ASN B 169 1.94 0.81 6.91
CA ASN B 169 1.27 1.24 8.13
C ASN B 169 1.99 0.70 9.39
N VAL B 170 2.41 -0.57 9.32
CA VAL B 170 3.13 -1.23 10.43
C VAL B 170 4.39 -0.42 10.80
N ARG B 171 5.20 -0.06 9.81
CA ARG B 171 6.37 0.79 10.08
C ARG B 171 6.09 2.17 10.65
N TYR B 172 5.13 2.91 10.05
CA TYR B 172 4.78 4.22 10.57
C TYR B 172 4.20 4.15 11.97
N MET B 173 3.34 3.15 12.23
CA MET B 173 2.81 3.00 13.60
C MET B 173 3.92 2.65 14.59
N ALA B 174 4.79 1.70 14.19
CA ALA B 174 5.92 1.35 15.06
C ALA B 174 6.75 2.58 15.44
N ASN B 175 7.11 3.34 14.44
CA ASN B 175 7.98 4.50 14.64
C ASN B 175 7.30 5.57 15.52
N ALA B 176 5.98 5.69 15.39
CA ALA B 176 5.26 6.74 16.13
C ALA B 176 5.06 6.36 17.59
N MET B 177 4.67 5.09 17.82
CA MET B 177 4.28 4.61 19.11
C MET B 177 5.42 4.01 19.95
N GLY B 178 6.54 3.70 19.32
CA GLY B 178 7.64 3.10 20.06
C GLY B 178 8.06 3.95 21.26
N PRO B 179 8.15 5.28 21.06
CA PRO B 179 8.66 6.07 22.19
C PRO B 179 7.79 6.01 23.45
N GLU B 180 6.50 5.70 23.34
CA GLU B 180 5.65 5.55 24.50
C GLU B 180 5.56 4.10 24.98
N GLY B 181 6.44 3.23 24.45
CA GLY B 181 6.51 1.83 24.84
C GLY B 181 5.57 0.86 24.17
N VAL B 182 5.18 1.07 22.90
CA VAL B 182 4.32 0.17 22.15
C VAL B 182 5.04 -0.33 20.91
N ARG B 183 5.05 -1.65 20.69
CA ARG B 183 5.60 -2.23 19.46
C ARG B 183 4.47 -2.61 18.50
N VAL B 184 4.78 -2.64 17.20
CA VAL B 184 3.77 -2.90 16.15
C VAL B 184 4.45 -3.78 15.09
N ASN B 185 3.88 -4.94 14.78
CA ASN B 185 4.46 -5.87 13.79
C ASN B 185 3.37 -6.49 12.95
N ALA B 186 3.81 -7.19 11.90
CA ALA B 186 2.93 -8.03 11.10
C ALA B 186 3.49 -9.42 11.00
N ILE B 187 2.62 -10.37 10.72
CA ILE B 187 3.05 -11.71 10.27
C ILE B 187 2.59 -11.77 8.82
N SER B 188 3.53 -11.98 7.89
CA SER B 188 3.14 -12.34 6.52
C SER B 188 2.92 -13.87 6.49
N ALA B 189 1.65 -14.27 6.52
CA ALA B 189 1.29 -15.67 6.65
C ALA B 189 1.27 -16.32 5.27
N GLY B 190 1.73 -17.57 5.18
CA GLY B 190 1.47 -18.38 4.01
C GLY B 190 0.00 -18.77 3.88
N PRO B 191 -0.37 -19.35 2.73
CA PRO B 191 -1.78 -19.67 2.53
C PRO B 191 -2.29 -20.80 3.43
N ILE B 192 -3.45 -20.56 4.04
CA ILE B 192 -4.22 -21.50 4.86
C ILE B 192 -5.66 -21.47 4.34
N ARG B 193 -6.37 -22.59 4.39
CA ARG B 193 -7.80 -22.67 3.95
C ARG B 193 -8.88 -22.16 4.95
N THR B 194 -9.06 -20.83 4.98
CA THR B 194 -10.01 -20.13 5.87
C THR B 194 -11.32 -19.72 5.18
N LEU B 195 -12.26 -19.13 5.92
CA LEU B 195 -13.48 -18.55 5.34
C LEU B 195 -13.28 -17.46 4.24
N ALA B 196 -12.40 -16.49 4.49
CA ALA B 196 -12.01 -15.45 3.50
C ALA B 196 -11.27 -15.93 2.24
N ALA B 197 -10.69 -17.12 2.25
CA ALA B 197 -9.93 -17.61 1.08
C ALA B 197 -10.75 -18.22 -0.08
N SER B 198 -12.06 -18.44 0.11
CA SER B 198 -13.00 -18.77 -0.99
C SER B 198 -13.27 -17.56 -1.89
N GLY B 199 -13.28 -16.38 -1.30
CA GLY B 199 -13.18 -15.11 -2.03
C GLY B 199 -12.08 -15.04 -3.07
N ILE B 200 -10.93 -15.68 -2.83
CA ILE B 200 -9.84 -15.79 -3.82
C ILE B 200 -10.01 -16.94 -4.80
N LYS B 201 -9.78 -16.63 -6.08
CA LYS B 201 -9.90 -17.58 -7.19
C LYS B 201 -8.79 -18.63 -7.16
N ASP B 202 -9.16 -19.84 -7.56
CA ASP B 202 -8.23 -20.97 -7.75
C ASP B 202 -7.47 -21.39 -6.48
N PHE B 203 -7.98 -20.95 -5.33
CA PHE B 203 -7.43 -21.31 -4.03
C PHE B 203 -8.01 -22.65 -3.57
N CYS B 210 1.68 -25.63 -4.07
CA CYS B 210 2.81 -24.78 -3.65
C CYS B 210 3.63 -25.40 -2.51
N GLU B 211 3.03 -26.37 -1.80
CA GLU B 211 3.67 -27.03 -0.65
C GLU B 211 4.87 -27.88 -1.05
N ALA B 212 4.85 -28.40 -2.27
CA ALA B 212 6.03 -29.05 -2.87
C ALA B 212 7.25 -28.13 -3.11
N VAL B 213 7.08 -26.81 -3.31
CA VAL B 213 8.24 -25.89 -3.38
C VAL B 213 8.46 -24.97 -2.17
N THR B 214 7.66 -25.13 -1.11
CA THR B 214 7.95 -24.59 0.21
C THR B 214 9.06 -25.41 0.88
N PRO B 215 10.05 -24.74 1.50
CA PRO B 215 11.14 -25.52 2.08
C PRO B 215 10.69 -26.55 3.14
N ILE B 216 9.74 -26.23 4.03
CA ILE B 216 9.28 -27.21 5.00
C ILE B 216 8.32 -28.22 4.35
N ARG B 217 8.02 -28.07 3.07
CA ARG B 217 7.22 -29.08 2.36
C ARG B 217 5.82 -29.32 2.93
N ARG B 218 5.19 -28.29 3.47
CA ARG B 218 3.79 -28.37 3.85
C ARG B 218 3.35 -26.92 3.99
N THR B 219 2.06 -26.65 3.96
CA THR B 219 1.60 -25.28 4.19
C THR B 219 1.56 -25.05 5.71
N VAL B 220 1.72 -23.80 6.11
CA VAL B 220 1.61 -23.45 7.51
C VAL B 220 0.14 -23.56 7.94
N THR B 221 -0.06 -23.75 9.24
CA THR B 221 -1.38 -23.94 9.86
C THR B 221 -1.74 -22.72 10.72
N ILE B 222 -3.01 -22.59 11.16
CA ILE B 222 -3.35 -21.51 12.08
C ILE B 222 -2.63 -21.71 13.41
N GLU B 223 -2.21 -22.93 13.72
CA GLU B 223 -1.35 -23.16 14.89
C GLU B 223 0.05 -22.56 14.80
N ASP B 224 0.75 -22.77 13.67
CA ASP B 224 2.02 -22.12 13.44
C ASP B 224 1.83 -20.62 13.53
N VAL B 225 0.87 -20.09 12.80
CA VAL B 225 0.67 -18.63 12.78
C VAL B 225 0.34 -18.16 14.20
N GLY B 226 -0.50 -18.93 14.89
CA GLY B 226 -0.90 -18.54 16.24
C GLY B 226 0.24 -18.47 17.24
N ASN B 227 1.15 -19.45 17.16
CA ASN B 227 2.31 -19.48 18.04
C ASN B 227 3.25 -18.29 17.75
N SER B 228 3.48 -17.97 16.49
CA SER B 228 4.31 -16.81 16.18
C SER B 228 3.62 -15.54 16.68
N ALA B 229 2.32 -15.44 16.48
CA ALA B 229 1.53 -14.30 16.95
C ALA B 229 1.67 -14.05 18.46
N ALA B 230 1.51 -15.13 19.21
CA ALA B 230 1.61 -15.09 20.65
C ALA B 230 2.96 -14.53 21.04
N PHE B 231 4.01 -15.07 20.41
CA PHE B 231 5.37 -14.59 20.60
C PHE B 231 5.51 -13.08 20.37
N LEU B 232 5.00 -12.60 19.25
CA LEU B 232 5.12 -11.18 18.87
C LEU B 232 4.32 -10.23 19.74
N CYS B 233 3.33 -10.75 20.47
CA CYS B 233 2.52 -9.90 21.35
C CYS B 233 2.99 -10.07 22.81
N SER B 234 4.04 -10.85 22.98
CA SER B 234 4.60 -11.11 24.32
C SER B 234 5.86 -10.30 24.58
N ASP B 235 6.31 -10.24 25.84
CA ASP B 235 7.60 -9.57 26.13
C ASP B 235 8.81 -10.33 25.58
N LEU B 236 8.62 -11.55 25.09
CA LEU B 236 9.77 -12.29 24.55
C LEU B 236 10.28 -11.61 23.29
N SER B 237 9.39 -10.89 22.59
CA SER B 237 9.79 -10.26 21.34
C SER B 237 10.02 -8.77 21.56
N ALA B 238 10.45 -8.39 22.76
CA ALA B 238 10.62 -6.97 23.07
C ALA B 238 11.63 -6.25 22.18
N GLY B 239 12.46 -6.98 21.41
CA GLY B 239 13.48 -6.34 20.55
C GLY B 239 13.03 -6.10 19.10
N ILE B 240 11.78 -6.49 18.81
CA ILE B 240 11.26 -6.58 17.46
C ILE B 240 10.10 -5.60 17.37
N SER B 241 10.24 -4.60 16.52
CA SER B 241 9.12 -3.76 16.16
C SER B 241 9.27 -3.28 14.72
N GLY B 242 8.13 -2.99 14.09
CA GLY B 242 8.15 -2.45 12.72
C GLY B 242 8.51 -3.52 11.68
N GLU B 243 8.42 -4.78 12.07
CA GLU B 243 8.92 -5.92 11.29
C GLU B 243 7.75 -6.69 10.65
N VAL B 244 7.91 -7.14 9.40
CA VAL B 244 7.05 -8.16 8.81
C VAL B 244 7.71 -9.52 8.90
N VAL B 245 7.25 -10.40 9.78
CA VAL B 245 7.84 -11.73 9.91
C VAL B 245 7.12 -12.70 8.96
N HIS B 246 7.84 -13.29 7.99
CA HIS B 246 7.28 -14.33 7.11
C HIS B 246 7.10 -15.67 7.83
N VAL B 247 5.85 -16.06 8.03
CA VAL B 247 5.48 -17.38 8.59
C VAL B 247 4.80 -18.13 7.44
N ASP B 248 5.59 -18.52 6.46
CA ASP B 248 5.08 -19.15 5.26
C ASP B 248 5.96 -20.39 4.96
N GLY B 249 6.61 -20.97 5.97
CA GLY B 249 7.46 -22.16 5.75
C GLY B 249 8.70 -21.90 4.88
N GLY B 250 9.06 -20.64 4.65
CA GLY B 250 10.22 -20.29 3.82
C GLY B 250 9.83 -20.13 2.36
N PHE B 251 8.52 -20.15 2.06
CA PHE B 251 8.09 -20.11 0.65
C PHE B 251 8.69 -18.90 -0.11
N SER B 252 8.65 -17.71 0.50
CA SER B 252 9.03 -16.48 -0.28
C SER B 252 10.52 -16.43 -0.61
N ILE B 253 11.34 -17.22 0.10
CA ILE B 253 12.77 -17.08 -0.11
C ILE B 253 13.29 -18.07 -1.13
N ALA B 254 12.39 -18.90 -1.67
CA ALA B 254 12.71 -19.94 -2.63
C ALA B 254 12.37 -19.45 -4.07
N ALA B 255 13.10 -19.91 -5.09
CA ALA B 255 12.68 -19.71 -6.46
C ALA B 255 12.94 -20.95 -7.29
N MET B 256 11.92 -21.43 -7.99
CA MET B 256 12.00 -22.67 -8.73
C MET B 256 12.41 -23.81 -7.79
PA NAD C . 4.89 19.26 -7.89
O1A NAD C . 5.69 20.08 -8.80
O2A NAD C . 3.87 19.79 -6.88
O5B NAD C . 3.98 18.33 -8.71
C5B NAD C . 2.84 17.67 -8.11
C4B NAD C . 1.85 17.59 -9.24
O4B NAD C . 0.72 16.76 -8.91
C3B NAD C . 1.29 18.95 -9.68
O3B NAD C . 1.54 19.16 -11.07
C2B NAD C . -0.22 18.82 -9.42
O2B NAD C . -0.97 19.53 -10.39
C1B NAD C . -0.41 17.31 -9.55
N9A NAD C . -1.64 16.81 -8.97
C8A NAD C . -2.08 16.83 -7.67
N7A NAD C . -3.31 16.39 -7.51
C5A NAD C . -3.72 16.09 -8.80
C6A NAD C . -4.98 15.72 -9.34
N6A NAD C . -6.11 15.57 -8.64
N1A NAD C . -5.05 15.55 -10.68
C2A NAD C . -3.97 15.81 -11.42
N3A NAD C . -2.77 16.23 -11.04
C4A NAD C . -2.71 16.34 -9.71
O3 NAD C . 5.79 18.18 -7.16
PN NAD C . 6.97 17.19 -7.55
O1N NAD C . 8.03 17.38 -6.55
O2N NAD C . 7.31 17.36 -8.98
O5D NAD C . 6.25 15.78 -7.47
C5D NAD C . 6.00 14.88 -8.57
C4D NAD C . 6.04 13.47 -8.03
O4D NAD C . 7.35 13.16 -7.47
C3D NAD C . 5.03 13.16 -6.94
O3D NAD C . 4.44 11.87 -7.04
C2D NAD C . 5.85 13.26 -5.65
O2D NAD C . 5.29 12.42 -4.65
C1D NAD C . 7.17 12.59 -6.21
N1N NAD C . 8.44 12.85 -5.37
C2N NAD C . 8.93 14.12 -5.07
C3N NAD C . 10.19 14.29 -4.53
C7N NAD C . 10.78 15.65 -4.32
O7N NAD C . 11.77 15.79 -3.57
N7N NAD C . 10.18 16.71 -4.95
C4N NAD C . 10.93 13.16 -4.20
C5N NAD C . 10.42 11.90 -4.44
C6N NAD C . 9.17 11.75 -5.06
N1 J47 D . 3.42 15.77 -5.45
C1 J47 D . 3.51 15.73 -4.33
C2 J47 D . 3.59 15.68 -2.88
C3 J47 D . 2.43 15.96 -2.15
C4 J47 D . 2.47 15.90 -0.78
BR1 J47 D . 0.97 16.57 0.18
C5 J47 D . 3.61 15.53 -0.10
C6 J47 D . 4.78 15.29 -0.82
C7 J47 D . 4.77 15.34 -2.21
O1 J47 D . 5.87 15.23 -2.99
C8 J47 D . 7.07 14.99 -2.40
C9 J47 D . 7.97 16.01 -2.14
C10 J47 D . 7.37 13.67 -2.07
O2 J47 D . 6.47 12.64 -2.28
C11 J47 D . 8.59 13.37 -1.52
C12 J47 D . 9.47 14.39 -1.25
CL1 J47 D . 10.96 14.04 -0.47
C13 J47 D . 9.17 15.70 -1.56
PA NAD E . -11.62 -14.97 8.00
O1A NAD E . -11.75 -16.05 9.02
O2A NAD E . -12.50 -14.91 6.80
O5B NAD E . -11.41 -13.54 8.71
C5B NAD E . -11.68 -12.26 8.06
C4B NAD E . -12.37 -11.47 9.15
O4B NAD E . -12.39 -10.05 8.88
C3B NAD E . -13.81 -11.90 9.45
O3B NAD E . -13.88 -12.08 10.85
C2B NAD E . -14.63 -10.69 8.98
O2B NAD E . -15.86 -10.53 9.68
C1B NAD E . -13.65 -9.58 9.32
N9A NAD E . -13.96 -8.28 8.73
C8A NAD E . -14.15 -7.98 7.40
N7A NAD E . -14.66 -6.79 7.20
C5A NAD E . -14.78 -6.26 8.48
C6A NAD E . -15.29 -5.03 8.95
N6A NAD E . -15.81 -4.08 8.16
N1A NAD E . -15.26 -4.82 10.28
C2A NAD E . -14.74 -5.77 11.08
N3A NAD E . -14.25 -6.97 10.75
C4A NAD E . -14.31 -7.16 9.42
O3 NAD E . -10.23 -14.98 7.37
PN NAD E . -8.67 -15.18 7.56
O1N NAD E . -8.23 -15.98 6.39
O2N NAD E . -8.42 -15.61 8.95
O5D NAD E . -8.08 -13.70 7.45
C5D NAD E . -7.46 -13.04 8.56
C4D NAD E . -6.37 -12.10 8.08
O4D NAD E . -5.23 -12.85 7.60
C3D NAD E . -6.75 -11.18 6.93
O3D NAD E . -6.08 -9.92 7.03
C2D NAD E . -6.28 -11.96 5.71
O2D NAD E . -5.95 -11.11 4.63
C1D NAD E . -4.95 -12.47 6.32
N1N NAD E . -4.28 -13.62 5.59
C2N NAD E . -4.97 -14.81 5.29
C3N NAD E . -4.28 -15.88 4.74
C7N NAD E . -4.96 -17.21 4.50
O7N NAD E . -4.50 -17.97 3.68
N7N NAD E . -6.08 -17.49 5.20
C4N NAD E . -2.93 -15.72 4.44
C5N NAD E . -2.27 -14.53 4.72
C6N NAD E . -2.98 -13.49 5.30
N1 J47 F . -9.57 -11.28 5.46
C1 J47 F . -9.63 -11.47 4.33
C2 J47 F . -9.67 -11.66 2.91
C3 J47 F . -10.61 -10.99 2.14
C4 J47 F . -10.52 -11.02 0.77
BR1 J47 F . -11.97 -10.36 -0.27
C5 J47 F . -9.46 -11.65 0.13
C6 J47 F . -8.55 -12.36 0.89
C7 J47 F . -8.65 -12.39 2.26
O1 J47 F . -7.75 -13.11 3.04
C8 J47 F . -6.82 -13.88 2.39
C9 J47 F . -7.02 -15.23 2.16
C10 J47 F . -5.58 -13.28 2.07
O2 J47 F . -5.30 -11.99 2.38
C11 J47 F . -4.58 -14.07 1.51
C12 J47 F . -4.79 -15.41 1.32
CL1 J47 F . -3.55 -16.37 0.58
C13 J47 F . -6.00 -16.01 1.63
#